data_1SBQ
#
_entry.id   1SBQ
#
_cell.length_a   42.315
_cell.length_b   80.746
_cell.length_c   132.165
_cell.angle_alpha   90.00
_cell.angle_beta   90.00
_cell.angle_gamma   90.00
#
_symmetry.space_group_name_H-M   'P 21 21 21'
#
loop_
_entity.id
_entity.type
_entity.pdbx_description
1 polymer '5,10-Methenyltetrahydrofolate synthetase homolog'
2 non-polymer 'SULFATE ION'
3 water water
#
_entity_poly.entity_id   1
_entity_poly.type   'polypeptide(L)'
_entity_poly.pdbx_seq_one_letter_code
;MGSSHHHHHHDYDIPTTENLYFQGHMDKNALRKQILQKRMALSTIEKSHLDQKINQKLVAFLTPKPCIKTIALYEPIKNE
VTFVDFFFEFLKINQIRAVYPKVISDTEIIFIDQETNTFEPNQIDCFLIPLVGFNKDNYRLGFGKGYYDRYLMQLTRQQP
KIGIAYSFQKGDFLADPWDVQLDLIINDE
;
_entity_poly.pdbx_strand_id   A,B
#
# COMPACT_ATOMS: atom_id res chain seq x y z
N MET A 26 -0.55 37.29 -13.86
CA MET A 26 -0.77 35.83 -13.68
C MET A 26 0.19 35.00 -14.53
N ASP A 27 1.40 35.52 -14.73
CA ASP A 27 2.38 34.81 -15.54
C ASP A 27 3.34 34.02 -14.66
N LYS A 28 3.69 32.82 -15.12
CA LYS A 28 4.60 31.96 -14.39
C LYS A 28 5.97 32.60 -14.24
N ASN A 29 6.49 33.19 -15.31
CA ASN A 29 7.81 33.83 -15.27
C ASN A 29 7.84 34.89 -14.17
N ALA A 30 6.74 35.64 -14.04
CA ALA A 30 6.63 36.67 -13.03
C ALA A 30 6.90 36.04 -11.67
N LEU A 31 6.12 35.01 -11.34
CA LEU A 31 6.27 34.30 -10.07
C LEU A 31 7.68 33.72 -9.87
N ARG A 32 8.09 32.81 -10.76
CA ARG A 32 9.39 32.19 -10.66
C ARG A 32 10.49 33.17 -10.30
N LYS A 33 10.42 34.36 -10.88
CA LYS A 33 11.42 35.37 -10.61
C LYS A 33 11.31 35.96 -9.21
N GLN A 34 10.09 36.28 -8.79
CA GLN A 34 9.88 36.85 -7.46
C GLN A 34 10.24 35.86 -6.35
N ILE A 35 10.00 34.58 -6.60
CA ILE A 35 10.27 33.52 -5.63
C ILE A 35 11.75 33.18 -5.49
N LEU A 36 12.43 32.97 -6.60
CA LEU A 36 13.86 32.65 -6.54
C LEU A 36 14.57 33.81 -5.84
N GLN A 37 14.03 35.02 -6.05
CA GLN A 37 14.57 36.22 -5.44
C GLN A 37 14.44 36.16 -3.92
N LYS A 38 13.23 35.92 -3.45
CA LYS A 38 12.99 35.84 -2.02
C LYS A 38 13.69 34.66 -1.37
N ARG A 39 13.76 33.53 -2.07
CA ARG A 39 14.42 32.35 -1.49
C ARG A 39 15.89 32.58 -1.23
N MET A 40 16.61 33.13 -2.21
CA MET A 40 18.04 33.41 -2.01
C MET A 40 18.26 34.43 -0.91
N ALA A 41 17.37 35.41 -0.82
CA ALA A 41 17.48 36.46 0.17
C ALA A 41 17.26 36.02 1.61
N LEU A 42 16.62 34.87 1.81
CA LEU A 42 16.36 34.38 3.16
C LEU A 42 17.65 34.27 3.97
N SER A 43 17.62 34.76 5.22
CA SER A 43 18.81 34.69 6.07
C SER A 43 18.87 33.33 6.74
N THR A 44 20.10 32.89 7.04
CA THR A 44 20.31 31.61 7.70
C THR A 44 19.44 31.48 8.94
N ILE A 45 19.21 32.60 9.62
CA ILE A 45 18.38 32.62 10.83
C ILE A 45 16.91 32.47 10.44
N GLU A 46 16.52 33.14 9.37
CA GLU A 46 15.14 33.09 8.90
C GLU A 46 14.76 31.72 8.32
N LYS A 47 15.64 31.17 7.50
CA LYS A 47 15.37 29.87 6.89
C LYS A 47 15.19 28.83 8.00
N SER A 48 16.11 28.86 8.97
CA SER A 48 16.07 27.92 10.10
C SER A 48 14.71 27.90 10.78
N HIS A 49 14.19 29.09 11.05
CA HIS A 49 12.90 29.24 11.71
C HIS A 49 11.73 28.76 10.86
N LEU A 50 11.82 29.02 9.56
CA LEU A 50 10.78 28.62 8.61
C LEU A 50 10.75 27.10 8.47
N ASP A 51 11.93 26.50 8.32
CA ASP A 51 12.00 25.06 8.15
C ASP A 51 11.53 24.35 9.41
N GLN A 52 11.92 24.87 10.58
CA GLN A 52 11.51 24.27 11.84
C GLN A 52 9.98 24.23 11.92
N LYS A 53 9.33 25.32 11.58
CA LYS A 53 7.87 25.36 11.64
C LYS A 53 7.25 24.45 10.59
N ILE A 54 7.83 24.44 9.40
CA ILE A 54 7.31 23.59 8.33
C ILE A 54 7.47 22.11 8.68
N ASN A 55 8.62 21.71 9.19
CA ASN A 55 8.82 20.30 9.54
C ASN A 55 7.93 19.91 10.70
N GLN A 56 7.52 20.90 11.48
CA GLN A 56 6.66 20.69 12.62
C GLN A 56 5.26 20.37 12.08
N LYS A 57 4.86 21.13 11.07
CA LYS A 57 3.56 20.94 10.44
C LYS A 57 3.52 19.60 9.69
N LEU A 58 4.64 19.26 9.05
CA LEU A 58 4.75 18.01 8.31
C LEU A 58 4.55 16.82 9.26
N VAL A 59 5.21 16.86 10.42
CA VAL A 59 5.09 15.80 11.39
C VAL A 59 3.65 15.71 11.91
N ALA A 60 3.02 16.86 12.12
CA ALA A 60 1.65 16.90 12.61
C ALA A 60 0.71 16.28 11.59
N PHE A 61 1.08 16.37 10.32
CA PHE A 61 0.30 15.80 9.23
C PHE A 61 0.42 14.26 9.16
N LEU A 62 1.63 13.75 9.37
CA LEU A 62 1.89 12.31 9.31
C LEU A 62 1.47 11.50 10.52
N THR A 63 1.70 12.08 11.70
CA THR A 63 1.39 11.43 12.96
C THR A 63 0.07 10.66 12.98
N PRO A 64 -1.01 11.26 12.46
CA PRO A 64 -2.29 10.55 12.45
C PRO A 64 -2.55 9.71 11.18
N LYS A 65 -1.52 9.50 10.37
CA LYS A 65 -1.67 8.70 9.15
C LYS A 65 -0.75 7.48 9.23
N PRO A 66 -1.10 6.51 10.10
CA PRO A 66 -0.34 5.27 10.32
C PRO A 66 -0.14 4.34 9.11
N CYS A 67 -0.98 4.46 8.08
CA CYS A 67 -0.80 3.58 6.94
C CYS A 67 0.34 4.02 6.02
N ILE A 68 1.03 5.10 6.38
CA ILE A 68 2.15 5.59 5.60
C ILE A 68 3.40 4.93 6.14
N LYS A 69 3.91 3.94 5.41
CA LYS A 69 5.08 3.19 5.84
C LYS A 69 6.29 3.39 4.93
N THR A 70 6.07 4.03 3.79
CA THR A 70 7.13 4.32 2.82
C THR A 70 6.77 5.70 2.28
N ILE A 71 7.71 6.63 2.36
CA ILE A 71 7.46 7.99 1.92
C ILE A 71 8.55 8.53 1.01
N ALA A 72 8.14 9.25 -0.04
CA ALA A 72 9.06 9.85 -0.98
C ALA A 72 9.44 11.24 -0.55
N LEU A 73 10.74 11.50 -0.45
CA LEU A 73 11.22 12.82 -0.06
C LEU A 73 11.97 13.43 -1.24
N TYR A 74 12.84 14.40 -0.98
CA TYR A 74 13.62 14.99 -2.05
C TYR A 74 14.96 15.47 -1.48
N GLU A 75 15.92 15.72 -2.36
CA GLU A 75 17.21 16.18 -1.92
C GLU A 75 17.20 17.70 -2.02
N PRO A 76 17.15 18.39 -0.88
CA PRO A 76 17.12 19.85 -0.78
C PRO A 76 18.16 20.61 -1.59
N ILE A 77 17.71 21.31 -2.61
CA ILE A 77 18.59 22.10 -3.44
C ILE A 77 18.68 23.48 -2.78
N LYS A 78 19.65 24.28 -3.22
CA LYS A 78 19.84 25.61 -2.68
C LYS A 78 18.53 26.39 -2.55
N ASN A 79 18.25 26.86 -1.32
CA ASN A 79 17.05 27.66 -1.03
C ASN A 79 15.75 26.90 -0.77
N GLU A 80 15.66 25.63 -1.19
CA GLU A 80 14.44 24.87 -0.96
C GLU A 80 14.26 24.60 0.54
N VAL A 81 13.02 24.33 0.95
CA VAL A 81 12.73 24.00 2.35
C VAL A 81 13.55 22.76 2.68
N THR A 82 14.14 22.73 3.87
CA THR A 82 14.96 21.62 4.32
C THR A 82 14.20 20.68 5.25
N PHE A 83 14.55 19.39 5.20
CA PHE A 83 13.95 18.38 6.08
C PHE A 83 14.90 18.39 7.27
N VAL A 84 14.36 18.68 8.45
CA VAL A 84 15.20 18.78 9.64
C VAL A 84 15.46 17.49 10.41
N ASP A 85 16.48 17.51 11.23
CA ASP A 85 16.87 16.35 12.00
C ASP A 85 15.73 15.69 12.76
N PHE A 86 14.85 16.47 13.40
CA PHE A 86 13.78 15.81 14.13
C PHE A 86 12.71 15.20 13.23
N PHE A 87 12.68 15.61 11.97
CA PHE A 87 11.71 15.04 11.04
C PHE A 87 12.12 13.61 10.80
N PHE A 88 13.39 13.42 10.44
CA PHE A 88 13.93 12.08 10.19
C PHE A 88 13.80 11.22 11.43
N GLU A 89 13.87 11.85 12.60
CA GLU A 89 13.76 11.12 13.85
C GLU A 89 12.34 10.57 13.92
N PHE A 90 11.38 11.39 13.51
CA PHE A 90 9.98 10.97 13.50
C PHE A 90 9.82 9.73 12.63
N LEU A 91 10.55 9.69 11.52
CA LEU A 91 10.45 8.56 10.57
C LEU A 91 11.03 7.28 11.18
N LYS A 92 12.21 7.39 11.79
CA LYS A 92 12.86 6.26 12.43
C LYS A 92 12.00 5.69 13.55
N ILE A 93 11.44 6.56 14.37
CA ILE A 93 10.62 6.10 15.48
C ILE A 93 9.36 5.37 15.03
N ASN A 94 8.75 5.82 13.95
CA ASN A 94 7.55 5.15 13.47
C ASN A 94 7.84 4.15 12.36
N GLN A 95 9.12 3.88 12.13
CA GLN A 95 9.57 2.93 11.12
C GLN A 95 9.10 3.19 9.68
N ILE A 96 9.14 4.45 9.28
CA ILE A 96 8.75 4.85 7.93
C ILE A 96 10.02 4.95 7.09
N ARG A 97 10.03 4.25 5.96
CA ARG A 97 11.17 4.25 5.07
C ARG A 97 11.12 5.41 4.09
N ALA A 98 12.28 6.02 3.86
CA ALA A 98 12.39 7.15 2.96
C ALA A 98 12.99 6.76 1.62
N VAL A 99 12.41 7.27 0.55
CA VAL A 99 12.90 7.02 -0.77
C VAL A 99 13.16 8.36 -1.42
N TYR A 100 14.17 8.39 -2.28
CA TYR A 100 14.56 9.61 -2.96
C TYR A 100 14.48 9.47 -4.46
N PRO A 101 14.32 10.60 -5.16
CA PRO A 101 14.23 10.70 -6.62
C PRO A 101 15.57 10.49 -7.32
N LYS A 102 15.56 9.73 -8.40
CA LYS A 102 16.76 9.49 -9.19
C LYS A 102 16.40 9.75 -10.65
N VAL A 103 16.99 10.78 -11.23
CA VAL A 103 16.73 11.09 -12.62
C VAL A 103 17.27 9.93 -13.46
N ILE A 104 16.40 9.35 -14.28
CA ILE A 104 16.74 8.22 -15.12
C ILE A 104 16.90 8.58 -16.59
N SER A 105 16.39 9.74 -16.97
CA SER A 105 16.47 10.21 -18.34
C SER A 105 16.05 11.67 -18.39
N ASP A 106 15.99 12.22 -19.60
CA ASP A 106 15.59 13.60 -19.73
C ASP A 106 14.10 13.80 -19.48
N THR A 107 13.38 12.71 -19.23
CA THR A 107 11.94 12.82 -18.95
C THR A 107 11.44 11.95 -17.79
N GLU A 108 12.23 10.94 -17.40
CA GLU A 108 11.81 10.06 -16.31
C GLU A 108 12.66 10.07 -15.06
N ILE A 109 12.02 9.73 -13.95
CA ILE A 109 12.67 9.70 -12.66
C ILE A 109 12.15 8.48 -11.92
N ILE A 110 12.93 7.96 -10.98
CA ILE A 110 12.49 6.82 -10.18
C ILE A 110 12.88 7.11 -8.74
N PHE A 111 12.37 6.29 -7.84
CA PHE A 111 12.65 6.42 -6.42
C PHE A 111 13.38 5.20 -5.88
N ILE A 112 14.49 5.47 -5.20
CA ILE A 112 15.32 4.42 -4.63
C ILE A 112 15.60 4.79 -3.19
N ASP A 113 15.84 3.80 -2.34
CA ASP A 113 16.15 4.09 -0.95
C ASP A 113 17.66 4.27 -0.82
N GLN A 114 18.12 4.35 0.41
CA GLN A 114 19.54 4.54 0.67
C GLN A 114 20.46 3.43 0.15
N GLU A 115 19.95 2.20 0.03
CA GLU A 115 20.77 1.10 -0.46
C GLU A 115 20.65 0.97 -1.97
N THR A 116 19.93 1.92 -2.56
CA THR A 116 19.66 1.99 -4.00
C THR A 116 18.59 0.99 -4.44
N ASN A 117 17.87 0.43 -3.47
CA ASN A 117 16.78 -0.49 -3.82
C ASN A 117 15.73 0.41 -4.44
N THR A 118 15.20 0.01 -5.59
CA THR A 118 14.18 0.78 -6.26
C THR A 118 12.82 0.44 -5.67
N PHE A 119 11.98 1.46 -5.61
CA PHE A 119 10.62 1.26 -5.11
C PHE A 119 9.67 1.64 -6.21
N GLU A 120 8.78 0.71 -6.54
CA GLU A 120 7.79 0.95 -7.58
C GLU A 120 6.82 2.03 -7.10
N PRO A 121 6.25 2.80 -8.04
CA PRO A 121 5.32 3.87 -7.73
C PRO A 121 4.34 3.55 -6.59
N ASN A 122 3.69 2.39 -6.69
CA ASN A 122 2.72 2.00 -5.70
C ASN A 122 3.23 1.19 -4.52
N GLN A 123 4.54 1.32 -4.30
CA GLN A 123 5.18 0.72 -3.14
C GLN A 123 5.33 1.91 -2.18
N ILE A 124 5.23 3.12 -2.73
CA ILE A 124 5.35 4.35 -1.94
C ILE A 124 3.95 4.80 -1.49
N ASP A 125 3.82 5.17 -0.22
CA ASP A 125 2.51 5.56 0.31
C ASP A 125 2.22 7.05 0.31
N CYS A 126 3.24 7.87 0.09
CA CYS A 126 3.04 9.31 0.15
C CYS A 126 4.20 10.03 -0.50
N PHE A 127 3.93 11.16 -1.15
CA PHE A 127 4.99 11.92 -1.81
C PHE A 127 5.12 13.36 -1.33
N LEU A 128 6.30 13.71 -0.83
CA LEU A 128 6.55 15.09 -0.41
C LEU A 128 7.24 15.69 -1.63
N ILE A 129 6.60 16.67 -2.22
CA ILE A 129 7.06 17.27 -3.48
C ILE A 129 7.64 18.68 -3.42
N PRO A 130 8.84 18.87 -4.02
CA PRO A 130 9.49 20.18 -4.04
C PRO A 130 8.87 21.03 -5.15
N LEU A 131 8.78 22.33 -4.94
CA LEU A 131 8.16 23.19 -5.94
C LEU A 131 8.72 24.62 -5.92
N VAL A 132 8.52 25.36 -7.01
CA VAL A 132 8.97 26.74 -7.07
C VAL A 132 7.75 27.59 -6.70
N GLY A 133 6.58 27.18 -7.18
CA GLY A 133 5.38 27.93 -6.86
C GLY A 133 4.08 27.15 -6.90
N PHE A 134 3.07 27.64 -6.20
CA PHE A 134 1.76 27.00 -6.18
C PHE A 134 0.69 28.10 -6.14
N ASN A 135 -0.47 27.84 -6.75
CA ASN A 135 -1.55 28.82 -6.76
C ASN A 135 -2.68 28.46 -5.80
N LYS A 136 -3.78 29.19 -5.91
CA LYS A 136 -4.93 28.98 -5.04
C LYS A 136 -5.56 27.60 -5.18
N ASP A 137 -5.45 27.01 -6.36
CA ASP A 137 -6.02 25.69 -6.61
C ASP A 137 -5.02 24.56 -6.40
N ASN A 138 -4.05 24.78 -5.51
CA ASN A 138 -3.04 23.77 -5.20
C ASN A 138 -2.16 23.30 -6.37
N TYR A 139 -2.25 23.95 -7.52
CA TYR A 139 -1.42 23.56 -8.64
C TYR A 139 0.04 23.88 -8.39
N ARG A 140 0.92 23.04 -8.92
CA ARG A 140 2.34 23.22 -8.74
C ARG A 140 3.04 23.86 -9.92
N LEU A 141 4.03 24.69 -9.61
CA LEU A 141 4.85 25.35 -10.61
C LEU A 141 6.23 24.73 -10.37
N GLY A 142 6.55 23.72 -11.18
CA GLY A 142 7.81 23.02 -11.01
C GLY A 142 9.04 23.65 -11.63
N PHE A 143 10.06 22.82 -11.82
CA PHE A 143 11.31 23.28 -12.39
C PHE A 143 11.37 23.09 -13.91
N GLY A 144 10.19 22.93 -14.51
CA GLY A 144 10.07 22.78 -15.95
C GLY A 144 10.49 21.49 -16.62
N LYS A 145 10.95 20.51 -15.85
CA LYS A 145 11.36 19.26 -16.46
C LYS A 145 10.17 18.35 -16.74
N GLY A 146 9.19 18.34 -15.85
CA GLY A 146 8.02 17.51 -16.05
C GLY A 146 8.08 16.12 -15.43
N TYR A 147 9.19 15.82 -14.77
CA TYR A 147 9.37 14.52 -14.12
C TYR A 147 8.19 14.12 -13.23
N TYR A 148 7.91 14.96 -12.24
CA TYR A 148 6.83 14.68 -11.31
C TYR A 148 5.50 14.50 -11.99
N ASP A 149 5.16 15.39 -12.90
CA ASP A 149 3.88 15.28 -13.58
C ASP A 149 3.73 13.90 -14.23
N ARG A 150 4.76 13.47 -14.94
CA ARG A 150 4.74 12.16 -15.60
C ARG A 150 4.75 11.03 -14.58
N TYR A 151 5.63 11.11 -13.60
CA TYR A 151 5.72 10.06 -12.60
C TYR A 151 4.39 9.83 -11.88
N LEU A 152 3.84 10.90 -11.33
CA LEU A 152 2.60 10.83 -10.57
C LEU A 152 1.40 10.24 -11.31
N MET A 153 1.53 10.03 -12.61
CA MET A 153 0.44 9.46 -13.40
C MET A 153 0.30 7.96 -13.13
N GLN A 154 1.34 7.36 -12.57
CA GLN A 154 1.36 5.94 -12.26
C GLN A 154 0.69 5.50 -10.95
N LEU A 155 0.31 6.46 -10.10
CA LEU A 155 -0.31 6.11 -8.81
C LEU A 155 -1.72 5.51 -8.94
N THR A 156 -1.98 4.44 -8.18
CA THR A 156 -3.27 3.77 -8.22
C THR A 156 -3.82 3.48 -6.83
N ARG A 157 -3.19 4.10 -5.82
CA ARG A 157 -3.61 3.91 -4.44
C ARG A 157 -4.04 5.25 -3.82
N GLN A 158 -4.20 6.27 -4.65
CA GLN A 158 -4.62 7.58 -4.16
C GLN A 158 -3.68 8.09 -3.08
N GLN A 159 -2.38 7.89 -3.30
CA GLN A 159 -1.39 8.36 -2.35
C GLN A 159 -1.40 9.89 -2.24
N PRO A 160 -1.22 10.41 -1.02
CA PRO A 160 -1.22 11.87 -0.87
C PRO A 160 -0.07 12.49 -1.66
N LYS A 161 -0.34 13.61 -2.32
CA LYS A 161 0.67 14.34 -3.08
C LYS A 161 0.82 15.64 -2.30
N ILE A 162 1.88 15.73 -1.49
CA ILE A 162 2.10 16.89 -0.62
C ILE A 162 3.24 17.83 -0.99
N GLY A 163 2.91 19.10 -1.21
CA GLY A 163 3.91 20.08 -1.52
C GLY A 163 4.54 20.61 -0.24
N ILE A 164 5.81 20.99 -0.31
CA ILE A 164 6.55 21.54 0.84
C ILE A 164 7.06 22.88 0.35
N ALA A 165 6.74 23.96 1.08
CA ALA A 165 7.17 25.27 0.64
C ALA A 165 7.04 26.40 1.67
N TYR A 166 7.66 27.54 1.33
CA TYR A 166 7.57 28.74 2.16
C TYR A 166 6.29 29.46 1.72
N SER A 167 5.65 30.19 2.63
CA SER A 167 4.42 30.93 2.31
C SER A 167 4.56 31.87 1.12
N PHE A 168 5.73 32.47 0.94
CA PHE A 168 5.93 33.38 -0.18
C PHE A 168 6.07 32.66 -1.51
N GLN A 169 5.84 31.36 -1.52
CA GLN A 169 5.96 30.63 -2.77
C GLN A 169 4.61 30.51 -3.44
N LYS A 170 3.57 30.95 -2.74
CA LYS A 170 2.22 30.91 -3.28
C LYS A 170 2.04 32.11 -4.20
N GLY A 171 1.54 31.86 -5.40
CA GLY A 171 1.34 32.94 -6.35
C GLY A 171 0.06 32.73 -7.12
N ASP A 172 -0.25 33.68 -7.99
CA ASP A 172 -1.46 33.59 -8.79
C ASP A 172 -1.14 33.40 -10.27
N PHE A 173 -1.29 32.18 -10.75
CA PHE A 173 -1.05 31.89 -12.16
C PHE A 173 -2.06 30.86 -12.66
N LEU A 174 -2.17 30.75 -13.98
CA LEU A 174 -3.08 29.78 -14.57
C LEU A 174 -2.30 28.48 -14.74
N ALA A 175 -2.86 27.40 -14.23
CA ALA A 175 -2.20 26.11 -14.32
C ALA A 175 -2.41 25.40 -15.65
N ASP A 176 -1.34 24.82 -16.16
CA ASP A 176 -1.36 24.06 -17.41
C ASP A 176 -1.68 22.62 -17.02
N PRO A 177 -2.29 21.84 -17.94
CA PRO A 177 -2.61 20.45 -17.59
C PRO A 177 -1.39 19.63 -17.18
N TRP A 178 -0.19 20.11 -17.53
CA TRP A 178 1.04 19.40 -17.18
C TRP A 178 1.62 19.83 -15.82
N ASP A 179 0.84 20.59 -15.05
CA ASP A 179 1.24 21.03 -13.71
C ASP A 179 0.52 20.10 -12.74
N VAL A 180 1.23 19.58 -11.74
CA VAL A 180 0.61 18.69 -10.75
C VAL A 180 -0.42 19.46 -9.92
N GLN A 181 -1.51 18.80 -9.54
CA GLN A 181 -2.52 19.49 -8.73
C GLN A 181 -2.24 19.55 -7.22
N LEU A 182 -1.54 18.56 -6.68
CA LEU A 182 -1.22 18.52 -5.24
C LEU A 182 -2.44 18.60 -4.34
N ASP A 183 -2.53 17.65 -3.42
CA ASP A 183 -3.62 17.58 -2.46
C ASP A 183 -3.48 18.65 -1.38
N LEU A 184 -2.24 19.05 -1.12
CA LEU A 184 -1.99 20.03 -0.07
C LEU A 184 -0.59 20.59 -0.17
N ILE A 185 -0.41 21.83 0.27
CA ILE A 185 0.90 22.43 0.26
C ILE A 185 1.18 22.86 1.70
N ILE A 186 2.03 22.10 2.37
CA ILE A 186 2.38 22.40 3.75
C ILE A 186 3.38 23.53 3.71
N ASN A 187 3.09 24.60 4.43
CA ASN A 187 3.98 25.74 4.48
C ASN A 187 3.89 26.44 5.84
N ASP A 188 4.78 27.41 6.03
CA ASP A 188 4.88 28.16 7.28
C ASP A 188 3.68 29.02 7.64
N GLU A 189 2.98 29.51 6.62
CA GLU A 189 1.81 30.37 6.83
C GLU A 189 2.14 31.49 7.81
N MET B 26 4.46 -39.65 5.55
CA MET B 26 4.19 -38.28 6.06
C MET B 26 3.81 -37.35 4.92
N ASP B 27 3.92 -37.84 3.69
CA ASP B 27 3.59 -37.06 2.50
C ASP B 27 2.23 -36.39 2.56
N LYS B 28 1.98 -35.48 1.62
CA LYS B 28 0.72 -34.75 1.56
C LYS B 28 -0.42 -35.60 1.00
N ASN B 29 -0.07 -36.68 0.31
CA ASN B 29 -1.07 -37.57 -0.26
C ASN B 29 -2.08 -37.98 0.79
N ALA B 30 -1.57 -38.41 1.94
CA ALA B 30 -2.42 -38.84 3.04
C ALA B 30 -3.39 -37.74 3.47
N LEU B 31 -2.85 -36.56 3.79
CA LEU B 31 -3.67 -35.44 4.22
C LEU B 31 -4.68 -35.06 3.14
N ARG B 32 -4.23 -35.04 1.89
CA ARG B 32 -5.10 -34.68 0.76
C ARG B 32 -6.39 -35.48 0.77
N LYS B 33 -6.42 -36.57 1.54
CA LYS B 33 -7.60 -37.42 1.63
C LYS B 33 -8.18 -37.51 3.04
N GLN B 34 -7.32 -37.66 4.05
CA GLN B 34 -7.82 -37.73 5.42
C GLN B 34 -8.46 -36.39 5.78
N ILE B 35 -8.25 -35.40 4.91
CA ILE B 35 -8.79 -34.06 5.09
C ILE B 35 -10.06 -33.93 4.25
N LEU B 36 -10.12 -34.69 3.16
CA LEU B 36 -11.28 -34.67 2.28
C LEU B 36 -12.31 -35.76 2.61
N GLN B 37 -11.94 -36.66 3.52
CA GLN B 37 -12.83 -37.75 3.92
C GLN B 37 -13.53 -37.40 5.22
N LYS B 38 -13.18 -36.24 5.77
CA LYS B 38 -13.76 -35.77 7.00
C LYS B 38 -14.34 -34.39 6.74
N ARG B 39 -13.90 -33.80 5.63
CA ARG B 39 -14.36 -32.47 5.23
C ARG B 39 -15.82 -32.58 4.82
N MET B 40 -16.15 -33.63 4.08
CA MET B 40 -17.53 -33.87 3.65
C MET B 40 -18.25 -34.65 4.74
N ALA B 41 -17.47 -35.28 5.62
CA ALA B 41 -18.03 -36.04 6.73
C ALA B 41 -18.46 -35.10 7.85
N LEU B 42 -18.41 -33.80 7.58
CA LEU B 42 -18.79 -32.78 8.55
C LEU B 42 -20.29 -32.53 8.53
N SER B 43 -20.89 -32.43 9.71
CA SER B 43 -22.32 -32.19 9.83
C SER B 43 -22.68 -30.87 9.14
N THR B 44 -23.63 -30.93 8.22
CA THR B 44 -24.07 -29.72 7.51
C THR B 44 -24.28 -28.60 8.51
N ILE B 45 -24.71 -28.98 9.71
CA ILE B 45 -24.97 -28.02 10.77
C ILE B 45 -23.63 -27.64 11.43
N GLU B 46 -22.80 -28.64 11.70
CA GLU B 46 -21.50 -28.40 12.31
C GLU B 46 -20.59 -27.63 11.36
N LYS B 47 -20.91 -27.68 10.07
CA LYS B 47 -20.14 -26.98 9.06
C LYS B 47 -20.37 -25.48 9.22
N SER B 48 -21.62 -25.11 9.53
CA SER B 48 -22.00 -23.71 9.71
C SER B 48 -21.55 -23.16 11.06
N HIS B 49 -21.46 -24.02 12.07
CA HIS B 49 -21.02 -23.57 13.39
C HIS B 49 -19.53 -23.24 13.34
N LEU B 50 -18.78 -24.04 12.60
CA LEU B 50 -17.35 -23.81 12.45
C LEU B 50 -17.14 -22.56 11.60
N ASP B 51 -17.97 -22.39 10.58
CA ASP B 51 -17.87 -21.20 9.73
C ASP B 51 -18.12 -19.94 10.56
N GLN B 52 -19.18 -19.95 11.36
CA GLN B 52 -19.51 -18.81 12.22
C GLN B 52 -18.28 -18.40 13.04
N LYS B 53 -17.71 -19.36 13.74
CA LYS B 53 -16.53 -19.12 14.57
C LYS B 53 -15.39 -18.48 13.79
N ILE B 54 -15.10 -19.05 12.62
CA ILE B 54 -14.02 -18.57 11.76
C ILE B 54 -14.23 -17.16 11.21
N ASN B 55 -15.44 -16.84 10.77
CA ASN B 55 -15.71 -15.50 10.26
C ASN B 55 -15.64 -14.51 11.41
N GLN B 56 -16.01 -14.97 12.60
CA GLN B 56 -15.96 -14.12 13.78
C GLN B 56 -14.50 -13.76 13.99
N LYS B 57 -13.67 -14.79 14.02
CA LYS B 57 -12.24 -14.59 14.20
C LYS B 57 -11.72 -13.70 13.09
N LEU B 58 -12.37 -13.80 11.93
CA LEU B 58 -12.00 -12.98 10.77
C LEU B 58 -12.27 -11.51 11.06
N VAL B 59 -13.52 -11.18 11.39
CA VAL B 59 -13.86 -9.79 11.68
C VAL B 59 -12.97 -9.29 12.81
N ALA B 60 -12.64 -10.17 13.75
CA ALA B 60 -11.77 -9.79 14.85
C ALA B 60 -10.36 -9.47 14.35
N PHE B 61 -9.88 -10.26 13.40
CA PHE B 61 -8.55 -10.05 12.85
C PHE B 61 -8.46 -8.70 12.14
N LEU B 62 -9.51 -8.36 11.40
CA LEU B 62 -9.53 -7.13 10.62
C LEU B 62 -9.86 -5.82 11.33
N THR B 63 -10.72 -5.86 12.35
CA THR B 63 -11.14 -4.64 13.03
C THR B 63 -9.99 -3.70 13.45
N PRO B 64 -8.95 -4.23 14.10
CA PRO B 64 -7.87 -3.34 14.50
C PRO B 64 -6.83 -2.99 13.42
N LYS B 65 -7.08 -3.36 12.16
CA LYS B 65 -6.13 -3.05 11.09
C LYS B 65 -6.71 -2.09 10.03
N PRO B 66 -6.58 -0.78 10.25
CA PRO B 66 -7.06 0.30 9.38
C PRO B 66 -6.47 0.34 7.96
N CYS B 67 -5.26 -0.18 7.82
CA CYS B 67 -4.60 -0.15 6.53
C CYS B 67 -5.06 -1.22 5.54
N ILE B 68 -5.95 -2.11 5.95
CA ILE B 68 -6.45 -3.13 5.02
C ILE B 68 -7.67 -2.47 4.39
N LYS B 69 -7.49 -1.87 3.21
CA LYS B 69 -8.57 -1.18 2.50
C LYS B 69 -9.18 -2.02 1.38
N THR B 70 -8.37 -2.93 0.84
CA THR B 70 -8.79 -3.83 -0.24
C THR B 70 -8.37 -5.24 0.17
N ILE B 71 -9.34 -6.15 0.23
CA ILE B 71 -9.02 -7.50 0.63
C ILE B 71 -9.35 -8.51 -0.46
N ALA B 72 -8.47 -9.49 -0.65
CA ALA B 72 -8.69 -10.51 -1.66
C ALA B 72 -9.38 -11.69 -1.00
N LEU B 73 -10.52 -12.08 -1.57
CA LEU B 73 -11.27 -13.22 -1.06
C LEU B 73 -11.28 -14.27 -2.17
N TYR B 74 -12.20 -15.21 -2.07
CA TYR B 74 -12.36 -16.26 -3.07
C TYR B 74 -13.78 -16.78 -2.96
N GLU B 75 -14.27 -17.39 -4.03
CA GLU B 75 -15.62 -17.94 -4.02
C GLU B 75 -15.51 -19.34 -3.46
N PRO B 76 -16.14 -19.60 -2.31
CA PRO B 76 -16.06 -20.94 -1.72
C PRO B 76 -16.63 -22.05 -2.58
N ILE B 77 -15.91 -23.17 -2.62
CA ILE B 77 -16.36 -24.35 -3.35
C ILE B 77 -16.64 -25.35 -2.23
N LYS B 78 -17.65 -26.19 -2.43
CA LYS B 78 -18.05 -27.17 -1.41
C LYS B 78 -16.89 -27.64 -0.54
N ASN B 79 -17.16 -27.71 0.75
CA ASN B 79 -16.18 -28.14 1.75
C ASN B 79 -15.34 -26.95 2.24
N GLU B 80 -14.94 -26.07 1.33
CA GLU B 80 -14.14 -24.91 1.73
C GLU B 80 -14.86 -24.05 2.74
N VAL B 81 -14.09 -23.36 3.58
CA VAL B 81 -14.68 -22.47 4.57
C VAL B 81 -15.43 -21.40 3.78
N THR B 82 -16.69 -21.17 4.12
CA THR B 82 -17.48 -20.17 3.41
C THR B 82 -17.50 -18.81 4.13
N PHE B 83 -17.64 -17.74 3.36
CA PHE B 83 -17.71 -16.40 3.94
C PHE B 83 -19.17 -16.07 4.23
N VAL B 84 -19.50 -15.92 5.51
CA VAL B 84 -20.87 -15.65 5.91
C VAL B 84 -21.34 -14.20 5.75
N ASP B 85 -22.64 -14.01 5.92
CA ASP B 85 -23.32 -12.73 5.80
C ASP B 85 -22.78 -11.56 6.65
N PHE B 86 -22.63 -11.77 7.96
CA PHE B 86 -22.16 -10.68 8.82
C PHE B 86 -20.73 -10.25 8.47
N PHE B 87 -20.03 -11.11 7.74
CA PHE B 87 -18.68 -10.81 7.30
C PHE B 87 -18.72 -9.82 6.14
N PHE B 88 -19.56 -10.08 5.15
CA PHE B 88 -19.66 -9.16 4.02
C PHE B 88 -20.27 -7.84 4.49
N GLU B 89 -21.14 -7.93 5.49
CA GLU B 89 -21.75 -6.74 6.08
C GLU B 89 -20.62 -5.92 6.73
N PHE B 90 -19.76 -6.60 7.49
CA PHE B 90 -18.63 -5.93 8.14
C PHE B 90 -17.80 -5.15 7.14
N LEU B 91 -17.41 -5.81 6.05
CA LEU B 91 -16.60 -5.17 5.00
C LEU B 91 -17.19 -3.91 4.38
N LYS B 92 -18.45 -4.01 3.94
CA LYS B 92 -19.13 -2.90 3.31
C LYS B 92 -19.22 -1.71 4.27
N ILE B 93 -19.63 -1.98 5.50
CA ILE B 93 -19.81 -0.97 6.53
C ILE B 93 -18.49 -0.31 7.00
N ASN B 94 -17.37 -0.98 6.78
CA ASN B 94 -16.08 -0.44 7.17
C ASN B 94 -15.25 -0.01 5.97
N GLN B 95 -15.91 0.11 4.82
CA GLN B 95 -15.27 0.54 3.58
C GLN B 95 -14.02 -0.27 3.18
N ILE B 96 -14.16 -1.58 3.18
CA ILE B 96 -13.07 -2.46 2.79
C ILE B 96 -13.52 -3.14 1.49
N ARG B 97 -12.88 -2.81 0.37
CA ARG B 97 -13.22 -3.39 -0.93
C ARG B 97 -12.73 -4.82 -1.09
N ALA B 98 -13.62 -5.68 -1.59
CA ALA B 98 -13.29 -7.08 -1.79
C ALA B 98 -12.95 -7.40 -3.24
N VAL B 99 -11.93 -8.23 -3.45
CA VAL B 99 -11.56 -8.62 -4.80
C VAL B 99 -11.44 -10.13 -4.91
N TYR B 100 -11.72 -10.67 -6.09
CA TYR B 100 -11.68 -12.11 -6.33
C TYR B 100 -10.75 -12.53 -7.45
N PRO B 101 -10.13 -13.72 -7.31
CA PRO B 101 -9.21 -14.20 -8.33
C PRO B 101 -9.94 -14.59 -9.61
N LYS B 102 -9.29 -14.38 -10.74
CA LYS B 102 -9.82 -14.72 -12.05
C LYS B 102 -8.70 -15.37 -12.85
N VAL B 103 -8.91 -16.62 -13.29
CA VAL B 103 -7.91 -17.31 -14.09
C VAL B 103 -7.81 -16.67 -15.48
N ILE B 104 -6.60 -16.24 -15.82
CA ILE B 104 -6.31 -15.56 -17.07
C ILE B 104 -5.59 -16.47 -18.09
N SER B 105 -4.88 -17.47 -17.57
CA SER B 105 -4.14 -18.40 -18.42
C SER B 105 -3.89 -19.71 -17.67
N ASP B 106 -3.05 -20.56 -18.23
CA ASP B 106 -2.71 -21.83 -17.60
C ASP B 106 -1.87 -21.56 -16.35
N THR B 107 -1.32 -20.35 -16.25
CA THR B 107 -0.49 -20.05 -15.11
C THR B 107 -0.80 -18.77 -14.33
N GLU B 108 -1.52 -17.83 -14.93
CA GLU B 108 -1.82 -16.58 -14.24
C GLU B 108 -3.22 -16.37 -13.70
N ILE B 109 -3.25 -15.67 -12.59
CA ILE B 109 -4.47 -15.34 -11.91
C ILE B 109 -4.44 -13.83 -11.77
N ILE B 110 -5.61 -13.22 -11.77
CA ILE B 110 -5.77 -11.78 -11.63
C ILE B 110 -6.88 -11.56 -10.60
N PHE B 111 -6.97 -10.36 -10.05
CA PHE B 111 -8.03 -10.08 -9.08
C PHE B 111 -8.88 -8.92 -9.58
N ILE B 112 -10.19 -9.05 -9.48
CA ILE B 112 -11.08 -7.97 -9.93
C ILE B 112 -12.20 -7.86 -8.92
N ASP B 113 -12.94 -6.76 -8.98
CA ASP B 113 -14.05 -6.57 -8.07
C ASP B 113 -15.29 -7.01 -8.85
N GLN B 114 -16.47 -6.59 -8.40
CA GLN B 114 -17.70 -6.96 -9.08
C GLN B 114 -17.97 -6.11 -10.32
N GLU B 115 -17.44 -4.89 -10.36
CA GLU B 115 -17.62 -4.03 -11.51
C GLU B 115 -16.78 -4.53 -12.67
N THR B 116 -15.89 -5.47 -12.37
CA THR B 116 -14.98 -6.05 -13.36
C THR B 116 -13.73 -5.20 -13.45
N ASN B 117 -13.54 -4.31 -12.48
CA ASN B 117 -12.33 -3.49 -12.45
C ASN B 117 -11.20 -4.40 -12.02
N THR B 118 -10.06 -4.22 -12.67
CA THR B 118 -8.88 -5.02 -12.38
C THR B 118 -7.96 -4.39 -11.35
N PHE B 119 -7.51 -5.19 -10.39
CA PHE B 119 -6.60 -4.69 -9.37
C PHE B 119 -5.24 -5.35 -9.41
N GLU B 120 -4.20 -4.55 -9.57
CA GLU B 120 -2.82 -5.04 -9.59
C GLU B 120 -2.47 -5.51 -8.18
N PRO B 121 -1.46 -6.39 -8.04
CA PRO B 121 -1.06 -6.91 -6.72
C PRO B 121 -0.83 -5.84 -5.63
N ASN B 122 -0.15 -4.76 -5.98
CA ASN B 122 0.14 -3.69 -5.03
C ASN B 122 -1.07 -2.90 -4.56
N GLN B 123 -2.21 -3.11 -5.20
CA GLN B 123 -3.44 -2.43 -4.80
C GLN B 123 -4.21 -3.28 -3.79
N ILE B 124 -3.70 -4.46 -3.46
CA ILE B 124 -4.37 -5.33 -2.51
C ILE B 124 -3.56 -5.29 -1.22
N ASP B 125 -4.25 -5.10 -0.09
CA ASP B 125 -3.57 -4.98 1.20
C ASP B 125 -3.51 -6.26 2.00
N CYS B 126 -4.37 -7.22 1.67
CA CYS B 126 -4.43 -8.46 2.42
C CYS B 126 -5.02 -9.57 1.57
N PHE B 127 -4.55 -10.80 1.77
CA PHE B 127 -5.05 -11.93 1.00
C PHE B 127 -5.59 -13.06 1.86
N LEU B 128 -6.84 -13.44 1.62
CA LEU B 128 -7.45 -14.55 2.35
C LEU B 128 -7.35 -15.73 1.38
N ILE B 129 -6.45 -16.64 1.71
CA ILE B 129 -6.11 -17.78 0.87
C ILE B 129 -6.71 -19.15 1.21
N PRO B 130 -7.45 -19.72 0.26
CA PRO B 130 -8.07 -21.03 0.44
C PRO B 130 -6.98 -22.10 0.38
N LEU B 131 -7.23 -23.27 0.98
CA LEU B 131 -6.24 -24.33 0.98
C LEU B 131 -6.85 -25.70 1.27
N VAL B 132 -6.08 -26.75 1.00
CA VAL B 132 -6.51 -28.11 1.25
C VAL B 132 -5.92 -28.49 2.61
N GLY B 133 -4.65 -28.14 2.82
CA GLY B 133 -4.00 -28.44 4.09
C GLY B 133 -2.92 -27.43 4.42
N PHE B 134 -2.44 -27.46 5.67
CA PHE B 134 -1.38 -26.56 6.13
C PHE B 134 -0.63 -27.29 7.23
N ASN B 135 0.65 -27.00 7.39
CA ASN B 135 1.44 -27.68 8.41
C ASN B 135 1.93 -26.82 9.55
N LYS B 136 2.62 -27.47 10.48
CA LYS B 136 3.18 -26.84 11.66
C LYS B 136 3.83 -25.49 11.40
N ASP B 137 4.54 -25.37 10.28
CA ASP B 137 5.22 -24.12 9.98
C ASP B 137 4.46 -23.21 9.03
N ASN B 138 3.15 -23.37 9.00
CA ASN B 138 2.28 -22.56 8.15
C ASN B 138 2.32 -22.83 6.65
N TYR B 139 3.21 -23.73 6.20
CA TYR B 139 3.25 -24.03 4.77
C TYR B 139 1.91 -24.52 4.29
N ARG B 140 1.54 -24.06 3.11
CA ARG B 140 0.26 -24.39 2.52
C ARG B 140 0.27 -25.50 1.48
N LEU B 141 -0.65 -26.44 1.64
CA LEU B 141 -0.82 -27.53 0.70
C LEU B 141 -1.87 -27.01 -0.26
N GLY B 142 -1.41 -26.43 -1.36
CA GLY B 142 -2.31 -25.87 -2.37
C GLY B 142 -3.15 -26.88 -3.12
N PHE B 143 -3.75 -26.43 -4.21
CA PHE B 143 -4.61 -27.28 -5.02
C PHE B 143 -3.87 -27.90 -6.21
N GLY B 144 -2.54 -27.88 -6.16
CA GLY B 144 -1.74 -28.47 -7.23
C GLY B 144 -1.75 -27.82 -8.60
N LYS B 145 -2.27 -26.60 -8.73
CA LYS B 145 -2.29 -25.93 -10.04
C LYS B 145 -1.21 -24.86 -10.14
N GLY B 146 -0.80 -24.32 -8.99
CA GLY B 146 0.25 -23.32 -8.98
C GLY B 146 -0.17 -21.86 -9.06
N TYR B 147 -1.46 -21.60 -9.21
CA TYR B 147 -1.94 -20.23 -9.31
C TYR B 147 -1.56 -19.34 -8.12
N TYR B 148 -1.86 -19.77 -6.91
CA TYR B 148 -1.51 -18.98 -5.74
C TYR B 148 -0.01 -18.92 -5.48
N ASP B 149 0.69 -20.02 -5.70
CA ASP B 149 2.13 -20.03 -5.48
C ASP B 149 2.80 -18.96 -6.32
N ARG B 150 2.41 -18.85 -7.59
CA ARG B 150 3.00 -17.85 -8.48
C ARG B 150 2.65 -16.43 -8.05
N TYR B 151 1.35 -16.15 -7.96
CA TYR B 151 0.87 -14.82 -7.58
C TYR B 151 1.43 -14.26 -6.27
N LEU B 152 1.37 -15.06 -5.20
CA LEU B 152 1.84 -14.61 -3.90
C LEU B 152 3.34 -14.37 -3.78
N MET B 153 4.15 -15.24 -4.40
CA MET B 153 5.60 -15.06 -4.34
C MET B 153 5.97 -13.76 -5.04
N GLN B 154 4.99 -13.13 -5.67
CA GLN B 154 5.20 -11.88 -6.40
C GLN B 154 4.87 -10.60 -5.60
N LEU B 155 4.23 -10.73 -4.43
CA LEU B 155 3.87 -9.58 -3.59
C LEU B 155 5.08 -8.75 -3.17
N THR B 156 4.93 -7.43 -3.13
CA THR B 156 6.04 -6.55 -2.76
C THR B 156 5.71 -5.46 -1.75
N ARG B 157 4.63 -5.64 -1.00
CA ARG B 157 4.29 -4.67 0.03
C ARG B 157 4.09 -5.36 1.37
N GLN B 158 4.62 -6.57 1.49
CA GLN B 158 4.51 -7.36 2.72
C GLN B 158 3.06 -7.55 3.13
N GLN B 159 2.18 -7.71 2.13
CA GLN B 159 0.78 -7.90 2.42
C GLN B 159 0.62 -9.23 3.13
N PRO B 160 -0.20 -9.26 4.17
CA PRO B 160 -0.43 -10.50 4.93
C PRO B 160 -1.07 -11.58 4.06
N LYS B 161 -0.59 -12.80 4.23
CA LYS B 161 -1.08 -13.96 3.49
C LYS B 161 -1.72 -14.84 4.56
N ILE B 162 -3.04 -14.72 4.68
CA ILE B 162 -3.79 -15.45 5.69
C ILE B 162 -4.64 -16.59 5.14
N GLY B 163 -4.34 -17.80 5.57
CA GLY B 163 -5.09 -18.96 5.14
C GLY B 163 -6.38 -19.09 5.91
N ILE B 164 -7.41 -19.63 5.26
CA ILE B 164 -8.70 -19.79 5.91
C ILE B 164 -9.07 -21.27 5.82
N ALA B 165 -8.97 -21.98 6.94
CA ALA B 165 -9.28 -23.40 6.95
C ALA B 165 -9.85 -23.91 8.27
N TYR B 166 -10.10 -25.22 8.32
CA TYR B 166 -10.62 -25.87 9.50
C TYR B 166 -9.47 -26.55 10.24
N SER B 167 -9.72 -26.92 11.49
CA SER B 167 -8.72 -27.60 12.32
C SER B 167 -8.25 -28.91 11.69
N PHE B 168 -9.18 -29.64 11.07
CA PHE B 168 -8.84 -30.92 10.45
C PHE B 168 -8.11 -30.78 9.11
N GLN B 169 -7.47 -29.64 8.89
CA GLN B 169 -6.70 -29.43 7.67
C GLN B 169 -5.23 -29.30 8.03
N LYS B 170 -4.94 -29.13 9.32
CA LYS B 170 -3.57 -29.03 9.78
C LYS B 170 -3.00 -30.43 9.83
N GLY B 171 -1.83 -30.62 9.24
CA GLY B 171 -1.21 -31.93 9.23
C GLY B 171 0.29 -31.85 9.04
N ASP B 172 0.98 -32.97 9.27
CA ASP B 172 2.43 -33.02 9.09
C ASP B 172 2.80 -33.49 7.69
N PHE B 173 3.61 -32.67 7.03
CA PHE B 173 4.09 -32.98 5.69
C PHE B 173 5.18 -31.98 5.37
N LEU B 174 6.24 -32.43 4.72
CA LEU B 174 7.32 -31.53 4.37
C LEU B 174 6.86 -30.74 3.15
N ALA B 175 7.06 -29.43 3.22
CA ALA B 175 6.66 -28.56 2.12
C ALA B 175 7.66 -28.63 0.97
N ASP B 176 7.16 -28.46 -0.24
CA ASP B 176 8.03 -28.50 -1.41
C ASP B 176 8.54 -27.08 -1.66
N PRO B 177 9.51 -26.92 -2.57
CA PRO B 177 10.08 -25.61 -2.88
C PRO B 177 9.07 -24.57 -3.36
N TRP B 178 7.85 -25.02 -3.65
CA TRP B 178 6.83 -24.13 -4.14
C TRP B 178 5.67 -23.85 -3.19
N ASP B 179 5.67 -24.46 -2.02
CA ASP B 179 4.58 -24.23 -1.08
C ASP B 179 4.77 -22.90 -0.36
N VAL B 180 3.78 -22.03 -0.46
CA VAL B 180 3.83 -20.72 0.20
C VAL B 180 3.82 -20.94 1.70
N GLN B 181 4.45 -20.04 2.46
CA GLN B 181 4.46 -20.22 3.90
C GLN B 181 3.24 -19.67 4.66
N LEU B 182 2.66 -18.57 4.19
CA LEU B 182 1.49 -18.00 4.87
C LEU B 182 1.82 -17.49 6.26
N ASP B 183 1.55 -16.22 6.49
CA ASP B 183 1.84 -15.63 7.79
C ASP B 183 0.92 -16.12 8.91
N LEU B 184 -0.25 -16.63 8.55
CA LEU B 184 -1.22 -17.09 9.55
C LEU B 184 -2.37 -17.89 8.94
N ILE B 185 -2.77 -18.95 9.64
CA ILE B 185 -3.89 -19.75 9.17
C ILE B 185 -5.03 -19.57 10.15
N ILE B 186 -6.09 -18.89 9.72
CA ILE B 186 -7.22 -18.70 10.61
C ILE B 186 -8.18 -19.86 10.48
N ASN B 187 -8.36 -20.57 11.59
CA ASN B 187 -9.24 -21.73 11.66
C ASN B 187 -10.10 -21.63 12.92
N ASP B 188 -10.99 -22.60 13.11
CA ASP B 188 -11.88 -22.60 14.26
C ASP B 188 -11.16 -22.93 15.57
N GLU B 189 -9.94 -23.45 15.48
CA GLU B 189 -9.16 -23.82 16.65
C GLU B 189 -9.70 -25.06 17.37
#